data_4BCG
#
_entry.id   4BCG
#
_cell.length_a   172.800
_cell.length_b   172.800
_cell.length_c   98.880
_cell.angle_alpha   90.00
_cell.angle_beta   90.00
_cell.angle_gamma   120.00
#
_symmetry.space_group_name_H-M   'H 3'
#
loop_
_entity.id
_entity.type
_entity.pdbx_description
1 polymer 'CYCLIN-DEPENDENT KINASE 9'
2 polymer CYCLIN-T1
3 non-polymer 2-[[3-(1,4-diazepan-1-yl)phenyl]amino]-4-[4-methyl-2-(methylamino)-1,3-thiazol-5-yl]pyrimidine-5-carbonitrile
4 non-polymer GLYCEROL
5 water water
#
loop_
_entity_poly.entity_id
_entity_poly.type
_entity_poly.pdbx_seq_one_letter_code
_entity_poly.pdbx_strand_id
1 'polypeptide(L)'
;GPAKQYDSVECPFCDEVSKYEKLAKIGQGTFGEVFKARHRKTGQKVALKKVLMENEKEGFPITALREIKILQLLKHENVV
NLIEICRTKASPYNRCKGSIYLVFDFCEHDLAGLLSNVLVKFTLSEIKRVMQMLLNGLYYIHRNKILHRDMKAANVLITR
DGVLKLADFGLARAFSLAKNSQPNRY(TPO)NRVVTLWYRPPELLLGERDYGPPIDLWGAGCIMAEMWTRSPIMQGNTEQ
HQLALISQLCGSITPEVWPNVDNYELYEKLELVKGQKRKVKDRLKAYVRDPYALDLIDKLLVLDPAQRIDSDDALNHDFF
WSDPMPSDLKGMLST
;
A
2 'polypeptide(L)'
;GPEGERKNNNKRWYFTREQLENSPSRRFGVDPDKELSYRQQAANLLQDMGQRLNVSQLTINTAIVYMHRFYMIQSFTRFP
GNSVAPAALFLAAKVEGQPKKLEHVIKVAHTCLHPQESLPDTRSEAYLQQVQDLVILESIILQTLGFELTIDHPHTHVVK
CTQLVRASKDLAQTSYFMATNSLHLTTFSLQYTPPVVACVCIHLACKWSNWEIPVSTDGKHWWEYVDATVTLELLDELTH
ELLQILEKTPNRLKRIWNWR
;
B
#
# COMPACT_ATOMS: atom_id res chain seq x y z
N SER A 8 27.18 -11.94 -10.29
CA SER A 8 25.75 -11.50 -10.57
C SER A 8 24.75 -12.64 -10.30
N VAL A 9 23.47 -12.28 -10.05
CA VAL A 9 22.56 -13.18 -9.33
C VAL A 9 21.15 -13.41 -9.92
N GLU A 10 20.66 -14.63 -9.75
CA GLU A 10 19.30 -15.07 -10.10
C GLU A 10 18.26 -14.01 -9.86
N CYS A 11 17.43 -13.73 -10.84
CA CYS A 11 16.46 -12.66 -10.65
C CYS A 11 15.21 -12.76 -11.53
N PRO A 12 14.49 -13.89 -11.43
CA PRO A 12 13.36 -14.29 -12.25
C PRO A 12 12.27 -13.25 -12.38
N PHE A 13 12.07 -12.44 -11.33
CA PHE A 13 10.85 -11.63 -11.27
C PHE A 13 11.13 -10.15 -11.34
N CYS A 14 12.35 -9.80 -11.72
CA CYS A 14 12.68 -8.39 -11.83
C CYS A 14 13.50 -8.20 -13.09
N ASP A 15 12.84 -7.73 -14.15
CA ASP A 15 13.46 -7.57 -15.46
C ASP A 15 14.29 -6.31 -15.52
N GLU A 16 15.34 -6.33 -16.34
CA GLU A 16 16.12 -5.13 -16.62
C GLU A 16 15.32 -4.16 -17.49
N VAL A 17 15.34 -2.88 -17.13
CA VAL A 17 14.51 -1.87 -17.79
C VAL A 17 14.93 -1.68 -19.27
N SER A 18 16.11 -2.19 -19.62
CA SER A 18 16.58 -2.16 -21.01
C SER A 18 15.65 -2.92 -21.96
N LYS A 19 14.71 -3.70 -21.43
CA LYS A 19 13.71 -4.35 -22.28
C LYS A 19 12.85 -3.29 -22.96
N TYR A 20 12.79 -2.11 -22.34
CA TYR A 20 12.09 -0.97 -22.87
C TYR A 20 13.08 -0.05 -23.54
N GLU A 21 12.65 0.60 -24.60
CA GLU A 21 13.49 1.53 -25.30
C GLU A 21 13.00 2.94 -25.05
N LYS A 22 13.82 3.77 -24.43
CA LYS A 22 13.42 5.16 -24.18
C LYS A 22 13.15 5.97 -25.43
N LEU A 23 12.00 6.62 -25.47
CA LEU A 23 11.64 7.50 -26.59
C LEU A 23 11.81 8.97 -26.24
N ALA A 24 11.28 9.40 -25.10
CA ALA A 24 11.28 10.83 -24.76
C ALA A 24 10.95 11.09 -23.30
N LYS A 25 11.67 12.03 -22.68
CA LYS A 25 11.26 12.55 -21.37
C LYS A 25 9.92 13.21 -21.48
N ILE A 26 9.06 13.05 -20.48
CA ILE A 26 7.78 13.74 -20.47
C ILE A 26 7.46 14.29 -19.08
N GLY A 27 8.40 14.23 -18.13
CA GLY A 27 8.17 14.79 -16.79
C GLY A 27 9.37 15.51 -16.23
N GLN A 28 9.76 16.64 -16.80
CA GLN A 28 11.01 17.32 -16.37
C GLN A 28 10.89 17.87 -14.95
N GLY A 29 9.77 18.54 -14.68
CA GLY A 29 9.59 19.22 -13.41
C GLY A 29 8.50 18.66 -12.52
N THR A 30 7.77 17.64 -12.99
CA THR A 30 6.75 16.99 -12.16
C THR A 30 7.29 15.76 -11.44
N PHE A 31 7.62 15.98 -10.17
CA PHE A 31 8.22 14.96 -9.32
C PHE A 31 9.46 14.40 -10.01
N GLY A 32 9.58 13.08 -10.02
CA GLY A 32 10.73 12.42 -10.64
C GLY A 32 10.69 12.48 -12.15
N GLU A 33 11.82 12.22 -12.79
CA GLU A 33 11.86 12.12 -14.24
C GLU A 33 10.96 10.99 -14.73
N VAL A 34 10.17 11.30 -15.73
CA VAL A 34 9.25 10.35 -16.35
C VAL A 34 9.58 10.20 -17.84
N PHE A 35 9.72 8.97 -18.32
CA PHE A 35 10.01 8.71 -19.74
C PHE A 35 8.90 7.97 -20.47
N LYS A 36 8.66 8.34 -21.71
CA LYS A 36 7.84 7.49 -22.58
C LYS A 36 8.79 6.46 -23.17
N ALA A 37 8.36 5.21 -23.22
CA ALA A 37 9.21 4.18 -23.82
C ALA A 37 8.44 3.09 -24.55
N ARG A 38 9.21 2.24 -25.22
CA ARG A 38 8.67 1.28 -26.16
C ARG A 38 9.22 -0.09 -25.84
N HIS A 39 8.34 -1.05 -25.64
CA HIS A 39 8.80 -2.42 -25.44
C HIS A 39 9.53 -2.87 -26.69
N ARG A 40 10.73 -3.44 -26.52
CA ARG A 40 11.59 -3.68 -27.68
C ARG A 40 11.09 -4.79 -28.59
N LYS A 41 10.16 -5.61 -28.11
CA LYS A 41 9.68 -6.74 -28.90
C LYS A 41 8.29 -6.54 -29.51
N THR A 42 7.42 -5.87 -28.77
CA THR A 42 6.01 -5.78 -29.09
C THR A 42 5.58 -4.37 -29.47
N GLY A 43 6.41 -3.39 -29.11
CA GLY A 43 6.16 -2.01 -29.44
C GLY A 43 5.25 -1.35 -28.43
N GLN A 44 4.80 -2.12 -27.44
CA GLN A 44 3.91 -1.60 -26.41
C GLN A 44 4.45 -0.34 -25.77
N LYS A 45 3.67 0.74 -25.81
CA LYS A 45 4.13 2.02 -25.21
C LYS A 45 3.91 2.04 -23.72
N VAL A 46 4.89 2.51 -22.95
CA VAL A 46 4.77 2.53 -21.49
C VAL A 46 5.37 3.82 -20.91
N ALA A 47 5.13 4.09 -19.63
CA ALA A 47 5.77 5.20 -18.95
C ALA A 47 6.72 4.67 -17.90
N LEU A 48 7.95 5.18 -17.89
CA LEU A 48 8.92 4.82 -16.89
C LEU A 48 9.11 5.95 -15.87
N LYS A 49 9.11 5.57 -14.59
CA LYS A 49 9.46 6.50 -13.52
C LYS A 49 10.60 5.94 -12.72
N LYS A 50 11.74 6.61 -12.69
CA LYS A 50 12.86 6.20 -11.83
C LYS A 50 12.56 6.54 -10.37
N VAL A 51 12.98 5.69 -9.44
CA VAL A 51 12.83 5.94 -8.00
C VAL A 51 14.04 6.71 -7.51
N LEU A 52 13.82 7.97 -7.08
CA LEU A 52 14.89 8.88 -6.70
C LEU A 52 15.57 8.48 -5.40
N MET A 53 16.90 8.63 -5.41
CA MET A 53 17.68 8.18 -4.27
C MET A 53 18.60 9.25 -3.72
N GLU A 54 18.00 10.39 -3.36
CA GLU A 54 18.74 11.52 -2.81
C GLU A 54 18.87 11.50 -1.32
N ASN A 55 19.40 10.40 -0.79
CA ASN A 55 19.55 10.15 0.66
C ASN A 55 18.23 10.13 1.47
N GLU A 56 17.43 9.05 1.43
CA GLU A 56 17.81 7.68 1.09
C GLU A 56 19.14 7.27 1.68
N LYS A 57 19.27 7.59 2.97
CA LYS A 57 20.32 7.04 3.83
C LYS A 57 19.69 5.88 4.62
N GLU A 58 18.52 5.47 4.18
CA GLU A 58 17.76 4.46 4.85
C GLU A 58 17.33 3.40 3.84
N GLY A 59 18.27 3.04 2.97
CA GLY A 59 17.99 2.09 1.92
C GLY A 59 16.86 2.49 1.00
N PHE A 60 16.16 1.49 0.48
CA PHE A 60 15.06 1.71 -0.44
C PHE A 60 13.96 2.55 0.20
N PRO A 61 13.60 3.68 -0.43
CA PRO A 61 12.70 4.68 0.16
C PRO A 61 11.39 4.09 0.63
N ILE A 62 11.10 4.28 1.91
CA ILE A 62 9.84 3.85 2.49
C ILE A 62 8.65 4.45 1.76
N THR A 63 8.88 5.61 1.17
CA THR A 63 7.88 6.30 0.38
C THR A 63 7.54 5.54 -0.89
N ALA A 64 8.59 5.01 -1.53
CA ALA A 64 8.40 4.19 -2.72
C ALA A 64 7.71 2.86 -2.39
N LEU A 65 8.06 2.24 -1.26
CA LEU A 65 7.37 1.03 -0.84
C LEU A 65 5.90 1.28 -0.70
N ARG A 66 5.55 2.39 -0.10
CA ARG A 66 4.15 2.73 0.12
C ARG A 66 3.39 2.83 -1.21
N GLU A 67 3.98 3.57 -2.15
CA GLU A 67 3.35 3.79 -3.45
C GLU A 67 3.18 2.47 -4.20
N ILE A 68 4.24 1.69 -4.25
CA ILE A 68 4.22 0.38 -4.86
C ILE A 68 3.12 -0.48 -4.25
N LYS A 69 3.02 -0.49 -2.92
CA LYS A 69 2.01 -1.29 -2.26
C LYS A 69 0.63 -0.86 -2.74
N ILE A 70 0.42 0.46 -2.81
CA ILE A 70 -0.87 1.02 -3.21
C ILE A 70 -1.20 0.77 -4.70
N LEU A 71 -0.21 0.93 -5.57
CA LEU A 71 -0.40 0.67 -7.00
C LEU A 71 -0.76 -0.80 -7.23
N GLN A 72 -0.15 -1.70 -6.45
CA GLN A 72 -0.45 -3.11 -6.59
C GLN A 72 -1.86 -3.45 -6.14
N LEU A 73 -2.38 -2.70 -5.18
CA LEU A 73 -3.72 -2.93 -4.65
C LEU A 73 -4.80 -2.42 -5.62
N LEU A 74 -4.60 -1.23 -6.15
CA LEU A 74 -5.59 -0.56 -6.99
C LEU A 74 -5.65 -1.10 -8.43
N LYS A 75 -6.73 -1.76 -8.79
CA LYS A 75 -6.91 -2.23 -10.19
C LYS A 75 -8.27 -1.81 -10.72
N HIS A 76 -8.31 -0.78 -11.57
CA HIS A 76 -9.58 -0.21 -11.97
C HIS A 76 -9.44 0.58 -13.27
N GLU A 77 -10.49 0.57 -14.11
CA GLU A 77 -10.45 1.24 -15.40
C GLU A 77 -10.00 2.70 -15.34
N ASN A 78 -10.32 3.38 -14.24
CA ASN A 78 -9.99 4.79 -14.08
C ASN A 78 -8.80 5.09 -13.18
N VAL A 79 -7.98 4.06 -12.96
CA VAL A 79 -6.76 4.25 -12.20
C VAL A 79 -5.60 3.73 -13.02
N VAL A 80 -4.56 4.54 -13.06
CA VAL A 80 -3.37 4.21 -13.85
C VAL A 80 -2.89 2.83 -13.42
N ASN A 81 -2.31 2.09 -14.35
CA ASN A 81 -1.94 0.69 -14.11
C ASN A 81 -0.44 0.42 -14.06
N LEU A 82 0.03 -0.01 -12.90
CA LEU A 82 1.44 -0.34 -12.75
C LEU A 82 1.63 -1.74 -13.33
N ILE A 83 2.45 -1.84 -14.37
CA ILE A 83 2.68 -3.10 -15.03
C ILE A 83 3.66 -3.96 -14.23
N GLU A 84 4.77 -3.38 -13.84
CA GLU A 84 5.86 -4.11 -13.23
C GLU A 84 6.90 -3.13 -12.74
N ILE A 85 7.87 -3.64 -11.98
CA ILE A 85 9.00 -2.85 -11.52
C ILE A 85 10.29 -3.41 -12.09
N CYS A 86 11.15 -2.54 -12.59
CA CYS A 86 12.35 -3.00 -13.30
C CYS A 86 13.60 -2.48 -12.62
N ARG A 87 14.65 -3.30 -12.68
CA ARG A 87 15.96 -2.89 -12.18
C ARG A 87 16.83 -2.47 -13.34
N THR A 88 18.12 -2.33 -13.10
CA THR A 88 18.90 -1.67 -14.10
C THR A 88 20.14 -2.48 -14.38
N LYS A 89 20.83 -2.91 -13.33
CA LYS A 89 22.11 -3.62 -13.48
C LYS A 89 23.26 -2.64 -13.61
N GLY A 98 23.19 1.33 -9.30
CA GLY A 98 22.02 0.58 -9.80
C GLY A 98 20.69 1.22 -9.43
N SER A 99 19.70 1.22 -10.34
CA SER A 99 18.43 1.94 -10.16
C SER A 99 17.18 1.08 -10.24
N ILE A 100 16.03 1.72 -10.02
CA ILE A 100 14.75 1.02 -9.99
C ILE A 100 13.67 1.87 -10.66
N TYR A 101 12.80 1.23 -11.45
CA TYR A 101 11.86 1.96 -12.27
C TYR A 101 10.46 1.39 -12.11
N LEU A 102 9.49 2.27 -11.96
CA LEU A 102 8.10 1.86 -12.00
C LEU A 102 7.68 1.90 -13.46
N VAL A 103 7.12 0.80 -13.96
CA VAL A 103 6.65 0.78 -15.35
C VAL A 103 5.13 0.86 -15.45
N PHE A 104 4.62 1.92 -16.09
CA PHE A 104 3.16 2.07 -16.27
C PHE A 104 2.68 1.97 -17.72
N ASP A 105 1.45 1.51 -17.90
CA ASP A 105 0.79 1.63 -19.21
C ASP A 105 0.84 3.11 -19.63
N PHE A 106 1.18 3.38 -20.89
CA PHE A 106 1.26 4.78 -21.34
C PHE A 106 -0.13 5.41 -21.61
N CYS A 107 -0.30 6.67 -21.25
CA CYS A 107 -1.53 7.41 -21.55
C CYS A 107 -1.19 8.59 -22.43
N GLU A 108 -1.90 8.74 -23.53
CA GLU A 108 -1.59 9.75 -24.54
C GLU A 108 -1.67 11.19 -24.02
N HIS A 109 -2.76 11.51 -23.33
CA HIS A 109 -3.00 12.90 -22.89
C HIS A 109 -2.90 13.12 -21.40
N ASP A 110 -2.77 14.39 -21.03
CA ASP A 110 -2.89 14.79 -19.63
C ASP A 110 -3.84 15.99 -19.48
N LEU A 111 -4.89 15.85 -18.66
CA LEU A 111 -5.92 16.86 -18.54
C LEU A 111 -5.37 18.28 -18.32
N ALA A 112 -4.30 18.44 -17.55
CA ALA A 112 -3.67 19.76 -17.42
C ALA A 112 -3.27 20.28 -18.83
N GLY A 113 -2.68 19.37 -19.62
CA GLY A 113 -2.29 19.69 -20.98
C GLY A 113 -3.43 20.05 -21.90
N LEU A 114 -4.45 19.19 -21.94
CA LEU A 114 -5.60 19.41 -22.83
C LEU A 114 -6.31 20.74 -22.47
N LEU A 115 -6.40 21.01 -21.17
CA LEU A 115 -7.09 22.20 -20.71
C LEU A 115 -6.30 23.48 -21.02
N SER A 116 -4.97 23.36 -21.05
CA SER A 116 -4.14 24.53 -21.29
C SER A 116 -3.91 24.73 -22.79
N ASN A 117 -4.65 23.96 -23.58
CA ASN A 117 -4.52 24.02 -25.02
C ASN A 117 -5.73 24.69 -25.67
N VAL A 118 -5.52 25.92 -26.16
CA VAL A 118 -6.59 26.71 -26.74
C VAL A 118 -7.28 26.03 -27.93
N LEU A 119 -6.55 25.19 -28.66
CA LEU A 119 -7.11 24.44 -29.77
C LEU A 119 -8.16 23.40 -29.33
N VAL A 120 -7.91 22.80 -28.18
CA VAL A 120 -8.72 21.70 -27.66
C VAL A 120 -10.07 22.21 -27.21
N LYS A 121 -11.15 21.51 -27.57
CA LYS A 121 -12.49 21.92 -27.14
C LYS A 121 -13.39 20.83 -26.56
N PHE A 122 -14.12 21.15 -25.50
CA PHE A 122 -15.02 20.17 -24.88
C PHE A 122 -16.48 20.57 -25.05
N THR A 123 -17.34 19.62 -25.37
CA THR A 123 -18.78 19.83 -25.26
C THR A 123 -19.21 19.54 -23.83
N LEU A 124 -20.38 20.05 -23.45
CA LEU A 124 -20.92 19.76 -22.13
C LEU A 124 -21.00 18.24 -21.91
N SER A 125 -21.27 17.51 -22.98
CA SER A 125 -21.49 16.08 -22.91
C SER A 125 -20.23 15.31 -22.52
N GLU A 126 -19.10 15.78 -23.03
CA GLU A 126 -17.82 15.16 -22.78
C GLU A 126 -17.33 15.53 -21.36
N ILE A 127 -17.49 16.80 -21.01
CA ILE A 127 -17.14 17.25 -19.68
C ILE A 127 -17.86 16.39 -18.65
N LYS A 128 -19.14 16.10 -18.92
CA LYS A 128 -19.90 15.19 -18.05
C LYS A 128 -19.21 13.84 -17.93
N ARG A 129 -18.74 13.32 -19.07
CA ARG A 129 -18.14 12.01 -19.07
C ARG A 129 -16.84 11.99 -18.28
N VAL A 130 -16.01 13.00 -18.51
CA VAL A 130 -14.75 13.16 -17.77
C VAL A 130 -14.99 13.14 -16.26
N MET A 131 -15.88 14.01 -15.80
CA MET A 131 -16.20 14.08 -14.38
C MET A 131 -16.74 12.76 -13.84
N GLN A 132 -17.46 12.03 -14.69
CA GLN A 132 -18.01 10.76 -14.31
C GLN A 132 -16.91 9.73 -14.06
N MET A 133 -15.97 9.66 -14.98
CA MET A 133 -14.87 8.71 -14.81
C MET A 133 -14.03 9.09 -13.58
N LEU A 134 -13.73 10.37 -13.44
CA LEU A 134 -12.91 10.84 -12.33
C LEU A 134 -13.56 10.49 -10.99
N LEU A 135 -14.84 10.85 -10.84
CA LEU A 135 -15.58 10.54 -9.64
C LEU A 135 -15.67 9.04 -9.38
N ASN A 136 -15.77 8.27 -10.47
CA ASN A 136 -15.82 6.82 -10.37
C ASN A 136 -14.47 6.26 -9.86
N GLY A 137 -13.37 6.82 -10.35
CA GLY A 137 -12.06 6.45 -9.87
C GLY A 137 -11.90 6.75 -8.38
N LEU A 138 -12.31 7.94 -7.98
CA LEU A 138 -12.27 8.29 -6.56
C LEU A 138 -13.09 7.35 -5.69
N TYR A 139 -14.28 7.03 -6.15
CA TYR A 139 -15.15 6.12 -5.41
C TYR A 139 -14.40 4.81 -5.18
N TYR A 140 -13.73 4.33 -6.21
CA TYR A 140 -12.99 3.08 -6.12
C TYR A 140 -11.82 3.15 -5.14
N ILE A 141 -10.98 4.18 -5.24
CA ILE A 141 -9.80 4.24 -4.37
C ILE A 141 -10.22 4.40 -2.90
N HIS A 142 -11.26 5.20 -2.66
CA HIS A 142 -11.75 5.41 -1.31
C HIS A 142 -12.35 4.14 -0.72
N ARG A 143 -13.15 3.46 -1.52
CA ARG A 143 -13.75 2.19 -1.15
C ARG A 143 -12.66 1.22 -0.72
N ASN A 144 -11.46 1.43 -1.23
CA ASN A 144 -10.31 0.59 -0.92
C ASN A 144 -9.40 1.24 0.12
N LYS A 145 -9.94 2.22 0.84
CA LYS A 145 -9.25 2.81 1.97
C LYS A 145 -8.00 3.55 1.56
N ILE A 146 -8.00 4.15 0.37
CA ILE A 146 -6.86 4.93 -0.05
C ILE A 146 -7.23 6.39 -0.27
N LEU A 147 -6.38 7.29 0.21
CA LEU A 147 -6.54 8.71 -0.05
C LEU A 147 -5.48 9.07 -1.06
N HIS A 148 -5.87 9.78 -2.11
CA HIS A 148 -4.93 10.12 -3.16
C HIS A 148 -4.02 11.29 -2.74
N ARG A 149 -4.62 12.31 -2.16
CA ARG A 149 -3.86 13.40 -1.53
C ARG A 149 -3.11 14.30 -2.50
N ASP A 150 -3.37 14.14 -3.79
CA ASP A 150 -2.74 15.04 -4.75
C ASP A 150 -3.62 15.24 -5.99
N MET A 151 -4.90 15.46 -5.73
CA MET A 151 -5.85 15.73 -6.82
C MET A 151 -5.49 17.01 -7.54
N LYS A 152 -5.21 16.90 -8.83
CA LYS A 152 -5.03 18.08 -9.68
C LYS A 152 -5.08 17.70 -11.14
N ALA A 153 -5.36 18.67 -12.00
CA ALA A 153 -5.46 18.43 -13.44
C ALA A 153 -4.29 17.63 -13.98
N ALA A 154 -3.09 17.97 -13.53
CA ALA A 154 -1.88 17.36 -14.07
C ALA A 154 -1.73 15.86 -13.73
N ASN A 155 -2.42 15.44 -12.67
CA ASN A 155 -2.43 14.06 -12.24
C ASN A 155 -3.58 13.24 -12.82
N VAL A 156 -4.39 13.85 -13.67
CA VAL A 156 -5.44 13.15 -14.39
C VAL A 156 -5.00 12.90 -15.82
N LEU A 157 -4.97 11.64 -16.24
CA LEU A 157 -4.59 11.33 -17.62
C LEU A 157 -5.79 10.83 -18.43
N ILE A 158 -5.70 10.89 -19.75
CA ILE A 158 -6.71 10.32 -20.61
C ILE A 158 -6.05 9.54 -21.76
N THR A 159 -6.50 8.31 -22.00
CA THR A 159 -5.95 7.44 -23.02
C THR A 159 -6.42 7.81 -24.42
N ARG A 160 -5.71 7.31 -25.43
CA ARG A 160 -6.06 7.64 -26.81
C ARG A 160 -7.51 7.25 -27.05
N ASP A 161 -8.06 6.37 -26.22
CA ASP A 161 -9.44 5.91 -26.42
C ASP A 161 -10.44 6.61 -25.49
N GLY A 162 -10.00 7.66 -24.82
CA GLY A 162 -10.91 8.47 -24.02
C GLY A 162 -11.25 7.89 -22.67
N VAL A 163 -10.37 7.04 -22.15
CA VAL A 163 -10.52 6.57 -20.77
C VAL A 163 -9.65 7.40 -19.82
N LEU A 164 -10.26 8.04 -18.83
CA LEU A 164 -9.55 8.84 -17.81
C LEU A 164 -8.92 7.95 -16.73
N LYS A 165 -7.67 8.27 -16.36
CA LYS A 165 -6.94 7.52 -15.35
C LYS A 165 -6.39 8.46 -14.30
N LEU A 166 -6.65 8.14 -13.03
CA LEU A 166 -6.01 8.83 -11.93
C LEU A 166 -4.57 8.34 -11.81
N ALA A 167 -3.65 9.29 -11.66
CA ALA A 167 -2.24 8.99 -11.73
C ALA A 167 -1.49 9.62 -10.55
N ASP A 168 -0.20 9.31 -10.44
CA ASP A 168 0.63 9.84 -9.38
C ASP A 168 0.15 9.53 -7.97
N PHE A 169 0.42 8.31 -7.52
CA PHE A 169 0.05 7.92 -6.15
C PHE A 169 1.18 8.14 -5.15
N GLY A 170 2.08 9.03 -5.49
CA GLY A 170 3.30 9.25 -4.72
C GLY A 170 3.07 9.86 -3.37
N LEU A 171 1.96 10.56 -3.22
CA LEU A 171 1.61 11.12 -1.91
C LEU A 171 0.46 10.35 -1.30
N ALA A 172 -0.04 9.34 -2.04
CA ALA A 172 -1.17 8.60 -1.52
C ALA A 172 -0.83 7.80 -0.27
N ARG A 173 -1.86 7.38 0.44
CA ARG A 173 -1.68 6.76 1.73
C ARG A 173 -2.99 6.00 2.06
N ALA A 174 -2.85 4.84 2.70
CA ALA A 174 -4.02 4.13 3.22
C ALA A 174 -4.61 4.86 4.43
N PHE A 175 -5.91 4.77 4.62
CA PHE A 175 -6.55 5.38 5.77
C PHE A 175 -7.48 4.38 6.47
N SER A 176 -7.97 4.76 7.64
CA SER A 176 -8.82 3.86 8.43
C SER A 176 -9.79 4.61 9.32
N LEU A 177 -10.71 3.87 9.91
CA LEU A 177 -11.94 4.53 10.38
C LEU A 177 -11.97 4.66 11.87
N ALA A 178 -12.11 5.91 12.31
CA ALA A 178 -11.88 6.30 13.71
C ALA A 178 -10.44 5.86 14.14
N LYS A 179 -10.31 5.10 15.24
CA LYS A 179 -11.44 4.60 16.05
C LYS A 179 -11.17 4.72 17.55
N ASN A 180 -12.24 4.60 18.35
CA ASN A 180 -12.14 4.64 19.81
C ASN A 180 -12.09 6.07 20.32
N SER A 181 -12.36 7.04 19.42
CA SER A 181 -12.28 8.48 19.74
C SER A 181 -10.81 8.95 19.89
N GLN A 182 -9.90 8.12 19.39
CA GLN A 182 -8.51 8.53 19.15
C GLN A 182 -8.38 8.88 17.67
N PRO A 183 -8.12 10.17 17.42
CA PRO A 183 -8.03 10.69 16.06
C PRO A 183 -6.81 10.15 15.35
N ASN A 184 -6.98 9.80 14.08
CA ASN A 184 -5.85 9.60 13.17
C ASN A 184 -4.93 10.83 13.13
N ARG A 185 -3.63 10.59 13.07
CA ARG A 185 -2.67 11.69 12.97
C ARG A 185 -1.92 11.62 11.66
N TYR A 186 -2.64 11.84 10.56
CA TYR A 186 -2.02 11.85 9.25
C TYR A 186 -1.30 13.18 9.05
N ASN A 188 -0.10 16.76 7.66
CA ASN A 188 -0.85 17.90 7.20
C ASN A 188 -0.31 18.47 5.89
N ARG A 189 0.97 18.24 5.63
CA ARG A 189 1.61 18.78 4.45
C ARG A 189 1.27 17.95 3.23
N VAL A 190 -0.01 17.93 2.85
CA VAL A 190 -0.46 17.15 1.68
C VAL A 190 -1.26 17.98 0.69
N VAL A 191 -1.15 17.65 -0.60
CA VAL A 191 -1.93 18.28 -1.67
C VAL A 191 -1.34 19.62 -2.12
N THR A 192 -1.21 19.80 -3.43
CA THR A 192 -0.76 21.07 -3.97
C THR A 192 -1.60 22.20 -3.40
N LEU A 193 -0.96 23.33 -3.13
CA LEU A 193 -1.64 24.46 -2.49
C LEU A 193 -2.96 24.88 -3.18
N TRP A 194 -2.95 24.99 -4.51
CA TRP A 194 -4.12 25.48 -5.23
C TRP A 194 -5.34 24.57 -5.08
N TYR A 195 -5.05 23.30 -4.84
CA TYR A 195 -6.08 22.29 -4.78
C TYR A 195 -6.35 21.85 -3.35
N ARG A 196 -5.58 22.40 -2.41
CA ARG A 196 -5.70 22.01 -1.01
C ARG A 196 -6.98 22.51 -0.36
N PRO A 197 -7.72 21.60 0.30
CA PRO A 197 -8.98 21.90 0.98
C PRO A 197 -8.77 22.72 2.25
N PRO A 198 -9.82 23.43 2.72
CA PRO A 198 -9.83 24.23 3.95
C PRO A 198 -9.29 23.45 5.14
N GLU A 199 -9.81 22.24 5.36
CA GLU A 199 -9.44 21.42 6.54
C GLU A 199 -7.93 21.46 6.75
N LEU A 200 -7.19 21.10 5.72
CA LEU A 200 -5.75 21.01 5.81
C LEU A 200 -5.14 22.38 6.15
N LEU A 201 -5.61 23.41 5.45
CA LEU A 201 -5.12 24.76 5.68
C LEU A 201 -5.39 25.25 7.12
N LEU A 202 -6.42 24.70 7.75
CA LEU A 202 -6.73 25.03 9.13
C LEU A 202 -6.08 24.06 10.11
N GLY A 203 -5.19 23.21 9.60
CA GLY A 203 -4.37 22.37 10.45
C GLY A 203 -4.91 20.97 10.77
N GLU A 204 -5.80 20.44 9.94
CA GLU A 204 -6.39 19.13 10.26
C GLU A 204 -5.42 17.96 10.02
N ARG A 205 -5.39 16.98 10.91
CA ARG A 205 -4.55 15.80 10.74
C ARG A 205 -5.41 14.54 10.78
N ASP A 206 -6.68 14.71 11.12
CA ASP A 206 -7.63 13.63 11.12
C ASP A 206 -8.64 13.91 10.02
N TYR A 207 -8.19 13.81 8.77
CA TYR A 207 -9.03 14.06 7.60
C TYR A 207 -9.24 12.74 6.87
N GLY A 208 -10.11 12.75 5.86
CA GLY A 208 -10.40 11.56 5.08
C GLY A 208 -10.69 11.87 3.63
N PRO A 209 -11.53 11.01 2.99
CA PRO A 209 -11.86 11.11 1.55
C PRO A 209 -12.32 12.48 1.09
N PRO A 210 -12.98 13.25 1.96
CA PRO A 210 -13.44 14.57 1.50
C PRO A 210 -12.34 15.47 0.94
N ILE A 211 -11.08 15.25 1.30
CA ILE A 211 -10.03 16.13 0.74
C ILE A 211 -9.84 15.89 -0.76
N ASP A 212 -10.01 14.65 -1.19
CA ASP A 212 -9.88 14.33 -2.61
C ASP A 212 -11.03 14.94 -3.41
N LEU A 213 -12.19 15.03 -2.77
CA LEU A 213 -13.37 15.53 -3.47
C LEU A 213 -13.34 17.05 -3.64
N TRP A 214 -12.76 17.75 -2.66
CA TRP A 214 -12.51 19.17 -2.81
C TRP A 214 -11.71 19.39 -4.07
N GLY A 215 -10.69 18.55 -4.25
CA GLY A 215 -9.85 18.66 -5.45
C GLY A 215 -10.66 18.41 -6.73
N ALA A 216 -11.61 17.49 -6.64
CA ALA A 216 -12.46 17.14 -7.75
C ALA A 216 -13.26 18.37 -8.14
N GLY A 217 -13.78 19.06 -7.13
CA GLY A 217 -14.42 20.35 -7.34
C GLY A 217 -13.56 21.32 -8.13
N CYS A 218 -12.33 21.56 -7.66
CA CYS A 218 -11.43 22.51 -8.30
C CYS A 218 -11.19 22.16 -9.76
N ILE A 219 -11.09 20.86 -10.02
CA ILE A 219 -10.85 20.37 -11.36
C ILE A 219 -12.09 20.54 -12.22
N MET A 220 -13.25 20.22 -11.65
CA MET A 220 -14.49 20.34 -12.40
C MET A 220 -14.62 21.77 -12.91
N ALA A 221 -14.51 22.74 -12.00
CA ALA A 221 -14.62 24.15 -12.38
C ALA A 221 -13.62 24.50 -13.47
N GLU A 222 -12.46 23.85 -13.39
CA GLU A 222 -11.35 24.12 -14.31
C GLU A 222 -11.67 23.64 -15.72
N MET A 223 -12.68 22.77 -15.85
CA MET A 223 -13.08 22.24 -17.16
C MET A 223 -13.71 23.33 -18.03
N TRP A 224 -14.20 24.39 -17.41
CA TRP A 224 -14.74 25.53 -18.15
C TRP A 224 -13.79 26.73 -18.10
N THR A 225 -13.29 27.03 -16.91
CA THR A 225 -12.42 28.19 -16.74
C THR A 225 -11.05 27.99 -17.37
N ARG A 226 -10.73 26.73 -17.72
CA ARG A 226 -9.47 26.45 -18.39
C ARG A 226 -8.26 26.92 -17.57
N SER A 227 -8.46 27.04 -16.26
CA SER A 227 -7.43 27.57 -15.39
C SER A 227 -7.83 27.39 -13.93
N PRO A 228 -6.85 27.03 -13.08
CA PRO A 228 -7.09 26.79 -11.66
C PRO A 228 -7.76 27.97 -10.96
N ILE A 229 -8.98 27.75 -10.48
CA ILE A 229 -9.82 28.80 -9.93
C ILE A 229 -9.24 29.58 -8.75
N MET A 230 -8.39 28.93 -7.94
CA MET A 230 -7.81 29.58 -6.76
C MET A 230 -6.28 29.43 -6.67
N GLN A 231 -5.56 30.42 -7.18
CA GLN A 231 -4.10 30.34 -7.26
C GLN A 231 -3.39 31.09 -6.16
N GLY A 232 -3.53 30.62 -4.92
CA GLY A 232 -2.85 31.26 -3.79
C GLY A 232 -1.33 31.23 -3.90
N ASN A 233 -0.65 32.08 -3.13
CA ASN A 233 0.80 32.09 -3.08
C ASN A 233 1.34 31.47 -1.79
N THR A 234 0.54 31.64 -0.73
CA THR A 234 0.82 31.02 0.55
C THR A 234 -0.52 30.51 1.11
N GLU A 235 -0.42 29.72 2.17
CA GLU A 235 -1.62 29.21 2.83
C GLU A 235 -2.62 30.29 3.20
N GLN A 236 -2.11 31.41 3.71
CA GLN A 236 -3.01 32.51 4.07
C GLN A 236 -3.67 33.12 2.84
N HIS A 237 -2.90 33.24 1.76
CA HIS A 237 -3.44 33.75 0.52
C HIS A 237 -4.49 32.79 -0.03
N GLN A 238 -4.20 31.49 0.10
CA GLN A 238 -5.12 30.45 -0.35
C GLN A 238 -6.41 30.52 0.46
N LEU A 239 -6.27 30.63 1.78
CA LEU A 239 -7.43 30.71 2.66
C LEU A 239 -8.26 31.96 2.38
N ALA A 240 -7.57 33.04 2.01
CA ALA A 240 -8.27 34.25 1.65
C ALA A 240 -9.09 34.00 0.37
N LEU A 241 -8.42 33.47 -0.63
CA LEU A 241 -9.06 33.21 -1.93
C LEU A 241 -10.30 32.34 -1.75
N ILE A 242 -10.14 31.25 -1.01
CA ILE A 242 -11.23 30.31 -0.73
C ILE A 242 -12.43 31.02 -0.07
N SER A 243 -12.12 31.93 0.86
CA SER A 243 -13.17 32.68 1.54
C SER A 243 -13.90 33.64 0.59
N GLN A 244 -13.15 34.20 -0.36
CA GLN A 244 -13.73 35.13 -1.33
C GLN A 244 -14.70 34.41 -2.27
N LEU A 245 -14.61 33.08 -2.27
CA LEU A 245 -15.44 32.27 -3.18
C LEU A 245 -16.51 31.47 -2.45
N CYS A 246 -16.16 30.85 -1.34
CA CYS A 246 -17.08 29.93 -0.68
C CYS A 246 -17.73 30.51 0.57
N GLY A 247 -17.60 31.83 0.74
CA GLY A 247 -18.03 32.47 1.97
C GLY A 247 -16.86 32.38 2.93
N SER A 248 -17.02 32.93 4.13
CA SER A 248 -15.95 32.82 5.12
C SER A 248 -16.23 31.78 6.20
N ILE A 249 -15.14 31.20 6.69
CA ILE A 249 -15.19 30.06 7.59
C ILE A 249 -15.86 30.46 8.90
N THR A 250 -17.08 29.99 9.11
CA THR A 250 -17.87 30.35 10.28
C THR A 250 -18.40 29.12 10.98
N PRO A 251 -18.27 29.08 12.31
CA PRO A 251 -18.82 27.96 13.07
C PRO A 251 -20.29 27.74 12.74
N GLU A 252 -20.93 28.75 12.17
CA GLU A 252 -22.31 28.60 11.70
C GLU A 252 -22.33 27.77 10.43
N VAL A 253 -21.43 28.11 9.52
CA VAL A 253 -21.32 27.41 8.25
C VAL A 253 -20.63 26.05 8.45
N TRP A 254 -19.61 26.05 9.30
CA TRP A 254 -18.74 24.90 9.51
C TRP A 254 -18.65 24.61 11.00
N PRO A 255 -19.66 23.89 11.53
CA PRO A 255 -19.81 23.58 12.96
C PRO A 255 -18.52 23.12 13.63
N ASN A 256 -18.02 23.93 14.56
CA ASN A 256 -16.83 23.56 15.34
C ASN A 256 -15.49 23.90 14.70
N VAL A 257 -15.53 24.41 13.47
CA VAL A 257 -14.32 24.96 12.84
C VAL A 257 -13.51 25.77 13.85
N ASP A 258 -14.20 26.41 14.79
CA ASP A 258 -13.56 27.26 15.75
C ASP A 258 -12.52 26.57 16.63
N ASN A 259 -12.21 25.30 16.42
CA ASN A 259 -11.40 24.61 17.43
C ASN A 259 -10.05 24.18 16.94
N TYR A 260 -9.62 24.74 15.81
CA TYR A 260 -8.21 24.59 15.44
C TYR A 260 -7.52 25.69 16.13
N GLU A 261 -6.34 25.38 16.65
CA GLU A 261 -5.44 26.37 17.22
C GLU A 261 -4.96 27.35 16.15
N LEU A 262 -5.49 27.20 14.94
CA LEU A 262 -5.15 28.06 13.82
C LEU A 262 -6.32 28.89 13.32
N TYR A 263 -7.45 28.77 14.02
CA TYR A 263 -8.65 29.52 13.69
C TYR A 263 -8.32 30.98 14.01
N GLU A 264 -7.75 31.17 15.20
CA GLU A 264 -7.39 32.48 15.73
C GLU A 264 -6.24 33.13 14.97
N LYS A 265 -5.18 32.35 14.79
CA LYS A 265 -3.95 32.79 14.16
C LYS A 265 -4.20 33.19 12.72
N LEU A 266 -5.07 32.45 12.04
CA LEU A 266 -5.40 32.74 10.65
C LEU A 266 -5.99 34.14 10.50
N GLU A 267 -6.83 34.54 11.46
CA GLU A 267 -7.50 35.82 11.37
C GLU A 267 -8.13 35.95 9.98
N LEU A 268 -8.88 34.92 9.61
CA LEU A 268 -9.55 34.89 8.29
C LEU A 268 -10.58 36.00 8.13
N VAL A 269 -10.74 36.48 6.90
CA VAL A 269 -11.72 37.49 6.54
C VAL A 269 -13.10 37.11 7.05
N LYS A 270 -13.98 38.10 7.28
CA LYS A 270 -15.28 37.78 7.82
C LYS A 270 -16.47 38.52 7.27
N GLY A 271 -16.29 39.32 6.24
CA GLY A 271 -17.45 39.87 5.50
C GLY A 271 -17.93 39.00 4.32
N GLN A 272 -17.06 38.12 3.86
CA GLN A 272 -17.29 37.36 2.63
C GLN A 272 -18.56 36.54 2.67
N LYS A 273 -19.24 36.44 1.52
CA LYS A 273 -20.45 35.62 1.38
C LYS A 273 -20.33 34.76 0.13
N ARG A 274 -20.95 33.59 0.13
CA ARG A 274 -20.72 32.57 -0.91
C ARG A 274 -20.98 33.07 -2.33
N LYS A 275 -19.95 32.99 -3.17
CA LYS A 275 -20.05 33.50 -4.54
C LYS A 275 -19.76 32.38 -5.58
N VAL A 276 -19.81 31.13 -5.14
CA VAL A 276 -19.33 30.02 -5.96
C VAL A 276 -20.10 29.96 -7.27
N LYS A 277 -21.42 30.05 -7.18
CA LYS A 277 -22.26 29.96 -8.35
C LYS A 277 -22.28 31.25 -9.17
N ASP A 278 -22.11 32.39 -8.50
CA ASP A 278 -22.06 33.68 -9.19
C ASP A 278 -20.76 33.88 -9.98
N ARG A 279 -19.63 33.53 -9.37
CA ARG A 279 -18.34 33.79 -9.96
C ARG A 279 -18.07 32.85 -11.14
N LEU A 280 -18.67 31.66 -11.08
CA LEU A 280 -18.50 30.64 -12.11
C LEU A 280 -19.66 30.61 -13.10
N LYS A 281 -20.76 31.24 -12.68
CA LYS A 281 -21.97 31.42 -13.48
C LYS A 281 -21.65 31.71 -14.96
N ALA A 282 -20.67 32.58 -15.17
CA ALA A 282 -20.25 33.00 -16.51
C ALA A 282 -19.84 31.81 -17.38
N TYR A 283 -18.76 31.15 -16.99
CA TYR A 283 -18.17 30.08 -17.77
C TYR A 283 -19.07 28.85 -17.93
N VAL A 284 -19.74 28.44 -16.86
CA VAL A 284 -20.39 27.13 -16.82
C VAL A 284 -21.77 27.10 -17.47
N ARG A 285 -22.65 28.02 -17.08
CA ARG A 285 -23.95 28.15 -17.75
C ARG A 285 -24.95 27.08 -17.29
N ASP A 286 -24.60 25.81 -17.49
CA ASP A 286 -25.49 24.70 -17.12
C ASP A 286 -25.82 24.69 -15.61
N PRO A 287 -27.11 24.74 -15.28
CA PRO A 287 -27.56 24.80 -13.88
C PRO A 287 -27.03 23.64 -13.05
N TYR A 288 -27.17 22.42 -13.57
CA TYR A 288 -26.79 21.21 -12.85
C TYR A 288 -25.28 21.16 -12.56
N ALA A 289 -24.47 21.48 -13.58
CA ALA A 289 -23.05 21.59 -13.42
C ALA A 289 -22.69 22.53 -12.27
N LEU A 290 -23.32 23.69 -12.24
CA LEU A 290 -23.06 24.66 -11.19
C LEU A 290 -23.46 24.12 -9.82
N ASP A 291 -24.57 23.40 -9.77
CA ASP A 291 -25.03 22.84 -8.52
C ASP A 291 -24.07 21.80 -7.96
N LEU A 292 -23.58 20.92 -8.83
CA LEU A 292 -22.64 19.90 -8.43
C LEU A 292 -21.30 20.50 -7.96
N ILE A 293 -20.79 21.48 -8.70
CA ILE A 293 -19.54 22.12 -8.32
C ILE A 293 -19.69 22.78 -6.96
N ASP A 294 -20.84 23.40 -6.75
CA ASP A 294 -21.13 24.04 -5.49
C ASP A 294 -21.10 23.03 -4.33
N LYS A 295 -21.55 21.81 -4.59
CA LYS A 295 -21.62 20.80 -3.52
C LYS A 295 -20.27 20.10 -3.32
N LEU A 296 -19.39 20.20 -4.31
CA LEU A 296 -18.02 19.76 -4.17
C LEU A 296 -17.16 20.79 -3.40
N LEU A 297 -17.30 22.06 -3.71
CA LEU A 297 -16.54 23.09 -3.02
C LEU A 297 -17.21 23.56 -1.74
N VAL A 298 -17.60 22.62 -0.90
CA VAL A 298 -18.21 22.94 0.39
C VAL A 298 -17.15 23.02 1.47
N LEU A 299 -17.25 24.03 2.34
CA LEU A 299 -16.23 24.28 3.37
C LEU A 299 -16.11 23.17 4.41
N ASP A 300 -17.21 22.83 5.06
CA ASP A 300 -17.17 21.75 6.04
C ASP A 300 -17.05 20.41 5.32
N PRO A 301 -15.91 19.74 5.52
CA PRO A 301 -15.63 18.43 4.89
C PRO A 301 -16.76 17.45 5.13
N ALA A 302 -17.48 17.63 6.22
CA ALA A 302 -18.53 16.71 6.61
C ALA A 302 -19.83 17.00 5.90
N GLN A 303 -19.95 18.20 5.34
CA GLN A 303 -21.13 18.55 4.55
C GLN A 303 -20.83 18.47 3.04
N ARG A 304 -19.57 18.23 2.71
CA ARG A 304 -19.13 18.11 1.33
C ARG A 304 -19.59 16.81 0.71
N ILE A 305 -20.16 16.88 -0.48
CA ILE A 305 -20.65 15.69 -1.19
C ILE A 305 -19.58 14.62 -1.37
N ASP A 306 -19.99 13.34 -1.35
CA ASP A 306 -19.04 12.26 -1.62
C ASP A 306 -19.18 11.74 -3.06
N SER A 307 -18.24 10.89 -3.47
CA SER A 307 -18.25 10.43 -4.84
C SER A 307 -19.54 9.67 -5.18
N ASP A 308 -20.06 8.95 -4.21
CA ASP A 308 -21.27 8.15 -4.47
C ASP A 308 -22.46 9.05 -4.79
N ASP A 309 -22.67 10.07 -3.98
CA ASP A 309 -23.78 10.99 -4.20
C ASP A 309 -23.54 11.85 -5.43
N ALA A 310 -22.28 12.16 -5.67
CA ALA A 310 -21.90 13.01 -6.77
C ALA A 310 -22.27 12.28 -8.05
N LEU A 311 -21.98 10.98 -8.08
CA LEU A 311 -22.26 10.21 -9.29
C LEU A 311 -23.76 10.16 -9.56
N ASN A 312 -24.53 10.27 -8.48
CA ASN A 312 -25.98 10.20 -8.57
C ASN A 312 -26.62 11.53 -8.96
N HIS A 313 -25.85 12.61 -8.80
CA HIS A 313 -26.30 13.97 -9.09
C HIS A 313 -26.91 14.12 -10.47
N ASP A 314 -27.94 14.96 -10.58
CA ASP A 314 -28.71 15.09 -11.83
C ASP A 314 -27.85 15.51 -13.02
N PHE A 315 -26.70 16.12 -12.73
CA PHE A 315 -25.72 16.47 -13.74
C PHE A 315 -25.37 15.29 -14.65
N PHE A 316 -25.34 14.07 -14.11
CA PHE A 316 -24.98 12.90 -14.90
C PHE A 316 -26.21 12.19 -15.47
N TRP A 317 -27.38 12.72 -15.16
CA TRP A 317 -28.61 12.01 -15.53
C TRP A 317 -29.63 12.88 -16.24
N SER A 318 -29.15 13.95 -16.85
CA SER A 318 -29.98 14.84 -17.64
C SER A 318 -29.30 15.09 -18.98
N ASP A 319 -30.02 15.71 -19.93
CA ASP A 319 -29.49 15.98 -21.25
C ASP A 319 -28.54 17.16 -21.24
N PRO A 320 -27.51 17.12 -22.10
CA PRO A 320 -27.19 15.96 -22.91
C PRO A 320 -26.50 14.92 -22.05
N MET A 321 -26.89 13.66 -22.15
CA MET A 321 -26.25 12.62 -21.36
C MET A 321 -24.76 12.53 -21.69
N PRO A 322 -23.95 12.00 -20.73
CA PRO A 322 -22.48 11.94 -20.89
C PRO A 322 -22.10 11.15 -22.14
N SER A 323 -21.09 11.60 -22.87
CA SER A 323 -20.72 10.92 -24.11
C SER A 323 -19.22 10.61 -24.17
N ASP A 324 -18.84 9.73 -25.08
CA ASP A 324 -17.46 9.38 -25.35
C ASP A 324 -16.58 10.54 -25.82
N LEU A 325 -15.26 10.34 -25.68
CA LEU A 325 -14.31 11.41 -25.99
C LEU A 325 -13.80 11.31 -27.43
N LYS A 326 -14.66 11.67 -28.36
CA LYS A 326 -14.34 11.36 -29.75
C LYS A 326 -13.60 12.50 -30.40
N GLY A 327 -12.51 12.15 -31.10
CA GLY A 327 -11.60 13.11 -31.70
C GLY A 327 -10.72 13.68 -30.63
N MET A 328 -10.04 14.77 -30.97
CA MET A 328 -9.15 15.45 -30.04
C MET A 328 -8.09 14.47 -29.59
N ASN B 9 2.16 -14.20 -10.42
CA ASN B 9 0.68 -14.35 -10.29
C ASN B 9 0.21 -15.05 -8.99
N ASN B 10 -0.81 -15.89 -9.13
CA ASN B 10 -1.45 -16.53 -7.98
C ASN B 10 -0.73 -17.80 -7.50
N LYS B 11 -0.16 -18.58 -8.40
CA LYS B 11 0.50 -19.80 -7.92
C LYS B 11 2.00 -19.59 -7.78
N ARG B 12 2.43 -18.32 -7.83
CA ARG B 12 3.85 -18.02 -7.96
C ARG B 12 4.66 -18.42 -6.76
N TRP B 13 4.16 -18.06 -5.58
CA TRP B 13 4.88 -18.37 -4.37
C TRP B 13 4.31 -19.57 -3.63
N TYR B 14 3.63 -20.48 -4.32
CA TYR B 14 3.23 -21.72 -3.63
C TYR B 14 3.84 -22.90 -4.39
N PHE B 15 4.48 -23.80 -3.67
CA PHE B 15 5.27 -24.84 -4.35
C PHE B 15 4.76 -26.21 -4.03
N THR B 16 4.89 -27.09 -5.01
CA THR B 16 4.64 -28.52 -4.77
C THR B 16 5.77 -29.09 -3.89
N ARG B 17 5.48 -30.18 -3.21
CA ARG B 17 6.51 -30.88 -2.42
C ARG B 17 7.70 -31.22 -3.33
N GLU B 18 7.39 -31.63 -4.56
CA GLU B 18 8.45 -32.03 -5.49
C GLU B 18 9.36 -30.83 -5.81
N GLN B 19 8.74 -29.67 -5.90
CA GLN B 19 9.46 -28.41 -6.09
C GLN B 19 10.32 -28.07 -4.88
N LEU B 20 9.87 -28.42 -3.68
CA LEU B 20 10.60 -28.11 -2.48
C LEU B 20 11.86 -28.95 -2.32
N GLU B 21 11.79 -30.22 -2.69
CA GLU B 21 12.99 -31.04 -2.79
C GLU B 21 14.04 -30.45 -3.73
N ASN B 22 13.65 -30.02 -4.92
CA ASN B 22 14.60 -29.36 -5.83
C ASN B 22 14.79 -27.87 -5.60
N SER B 23 15.23 -27.49 -4.40
CA SER B 23 15.44 -26.08 -4.07
C SER B 23 16.81 -25.58 -4.53
N PRO B 24 16.96 -24.24 -4.61
CA PRO B 24 18.25 -23.68 -4.98
C PRO B 24 19.37 -24.28 -4.16
N SER B 25 19.14 -24.49 -2.86
CA SER B 25 20.21 -25.02 -2.02
C SER B 25 20.54 -26.42 -2.45
N ARG B 26 19.56 -27.33 -2.44
CA ARG B 26 19.88 -28.70 -2.88
C ARG B 26 20.86 -28.58 -4.03
N ARG B 27 20.36 -28.08 -5.17
CA ARG B 27 21.19 -27.78 -6.30
C ARG B 27 22.63 -27.56 -5.88
N PHE B 28 22.89 -26.80 -4.83
CA PHE B 28 24.27 -26.68 -4.36
C PHE B 28 24.63 -27.61 -3.20
N GLY B 29 23.97 -28.76 -3.06
CA GLY B 29 24.44 -29.77 -2.15
C GLY B 29 24.07 -29.74 -0.70
N VAL B 30 23.09 -28.91 -0.36
CA VAL B 30 22.59 -28.81 1.01
C VAL B 30 21.47 -29.81 1.19
N ASP B 31 21.63 -30.75 2.11
CA ASP B 31 20.57 -31.69 2.38
C ASP B 31 19.24 -31.02 2.75
N PRO B 32 18.14 -31.69 2.46
CA PRO B 32 16.82 -31.22 2.84
C PRO B 32 16.72 -30.93 4.33
N ASP B 33 17.25 -31.83 5.14
CA ASP B 33 17.19 -31.66 6.60
C ASP B 33 18.00 -30.46 7.07
N LYS B 34 19.18 -30.31 6.48
CA LYS B 34 20.10 -29.26 6.79
C LYS B 34 19.35 -27.97 6.42
N GLU B 35 18.86 -27.92 5.18
CA GLU B 35 18.21 -26.71 4.70
C GLU B 35 17.14 -26.27 5.68
N LEU B 36 16.29 -27.20 6.09
CA LEU B 36 15.21 -26.87 7.03
C LEU B 36 15.71 -26.09 8.23
N SER B 37 16.79 -26.57 8.84
CA SER B 37 17.37 -25.90 10.01
C SER B 37 17.69 -24.50 9.59
N TYR B 38 18.64 -24.36 8.67
CA TYR B 38 18.96 -23.05 8.13
C TYR B 38 17.75 -22.12 8.17
N ARG B 39 16.58 -22.57 7.71
CA ARG B 39 15.36 -21.79 7.81
C ARG B 39 14.93 -21.52 9.23
N GLN B 40 14.84 -22.55 10.07
CA GLN B 40 14.40 -22.38 11.44
C GLN B 40 15.31 -21.41 12.18
N GLN B 41 16.61 -21.44 11.86
CA GLN B 41 17.58 -20.56 12.51
C GLN B 41 17.43 -19.13 12.08
N ALA B 42 17.15 -18.93 10.80
CA ALA B 42 16.89 -17.59 10.31
C ALA B 42 15.68 -17.02 11.01
N ALA B 43 14.62 -17.83 11.10
CA ALA B 43 13.37 -17.44 11.79
C ALA B 43 13.71 -17.10 13.26
N ASN B 44 14.57 -17.91 13.90
CA ASN B 44 15.00 -17.58 15.27
C ASN B 44 15.73 -16.24 15.41
N LEU B 45 16.68 -16.02 14.52
CA LEU B 45 17.39 -14.74 14.51
C LEU B 45 16.42 -13.58 14.26
N LEU B 46 15.44 -13.79 13.42
CA LEU B 46 14.45 -12.76 13.18
C LEU B 46 13.67 -12.48 14.46
N GLN B 47 13.15 -13.53 15.06
CA GLN B 47 12.37 -13.38 16.29
C GLN B 47 13.17 -12.68 17.39
N ASP B 48 14.43 -13.08 17.55
CA ASP B 48 15.27 -12.48 18.57
C ASP B 48 15.49 -10.99 18.31
N MET B 49 15.94 -10.63 17.10
CA MET B 49 16.20 -9.23 16.78
C MET B 49 14.92 -8.41 16.92
N GLY B 50 13.84 -8.96 16.37
CA GLY B 50 12.57 -8.22 16.29
C GLY B 50 12.08 -7.83 17.67
N GLN B 51 12.28 -8.73 18.63
CA GLN B 51 11.86 -8.46 20.00
C GLN B 51 12.68 -7.34 20.62
N ARG B 52 13.98 -7.36 20.37
CA ARG B 52 14.84 -6.28 20.89
C ARG B 52 14.60 -4.97 20.15
N LEU B 53 14.36 -5.04 18.82
CA LEU B 53 14.03 -3.84 18.08
C LEU B 53 12.65 -3.35 18.46
N ASN B 54 11.97 -4.13 19.28
CA ASN B 54 10.65 -3.80 19.74
C ASN B 54 9.65 -3.67 18.61
N VAL B 55 9.78 -4.47 17.56
CA VAL B 55 8.77 -4.48 16.52
C VAL B 55 7.75 -5.58 16.79
N SER B 56 6.58 -5.44 16.18
CA SER B 56 5.50 -6.37 16.37
C SER B 56 5.79 -7.79 15.90
N GLN B 57 5.11 -8.77 16.50
CA GLN B 57 5.16 -10.14 16.00
C GLN B 57 4.70 -10.20 14.56
N LEU B 58 3.73 -9.36 14.17
CA LEU B 58 3.34 -9.28 12.77
C LEU B 58 4.54 -8.96 11.82
N THR B 59 5.31 -7.93 12.16
CA THR B 59 6.48 -7.57 11.35
C THR B 59 7.50 -8.72 11.27
N ILE B 60 7.71 -9.40 12.38
CA ILE B 60 8.63 -10.53 12.40
C ILE B 60 8.16 -11.65 11.46
N ASN B 61 6.84 -11.87 11.46
CA ASN B 61 6.26 -12.89 10.60
C ASN B 61 6.42 -12.55 9.13
N THR B 62 6.24 -11.26 8.82
CA THR B 62 6.47 -10.77 7.48
C THR B 62 7.92 -11.05 7.05
N ALA B 63 8.89 -10.69 7.88
CA ALA B 63 10.30 -10.95 7.49
C ALA B 63 10.55 -12.45 7.34
N ILE B 64 9.94 -13.25 8.20
CA ILE B 64 10.07 -14.71 8.04
C ILE B 64 9.58 -15.20 6.68
N VAL B 65 8.39 -14.77 6.27
CA VAL B 65 7.87 -15.17 4.94
C VAL B 65 8.81 -14.70 3.82
N TYR B 66 9.33 -13.47 3.97
CA TYR B 66 10.25 -12.92 2.98
C TYR B 66 11.44 -13.88 2.86
N MET B 67 11.97 -14.29 4.01
CA MET B 67 13.04 -15.22 4.09
C MET B 67 12.73 -16.57 3.48
N HIS B 68 11.55 -17.10 3.79
CA HIS B 68 11.16 -18.38 3.21
C HIS B 68 11.19 -18.28 1.69
N ARG B 69 10.49 -17.28 1.18
CA ARG B 69 10.39 -17.09 -0.26
C ARG B 69 11.71 -16.80 -0.93
N PHE B 70 12.54 -16.00 -0.26
CA PHE B 70 13.85 -15.66 -0.77
C PHE B 70 14.64 -16.91 -1.11
N TYR B 71 14.56 -17.92 -0.24
CA TYR B 71 15.37 -19.10 -0.42
C TYR B 71 14.74 -20.14 -1.32
N MET B 72 13.59 -19.85 -1.91
CA MET B 72 13.11 -20.67 -3.02
C MET B 72 13.73 -20.21 -4.31
N ILE B 73 14.45 -19.10 -4.27
CA ILE B 73 15.07 -18.55 -5.47
C ILE B 73 16.59 -18.50 -5.31
N GLN B 74 17.05 -18.09 -4.13
CA GLN B 74 18.46 -18.05 -3.84
C GLN B 74 18.88 -19.20 -2.94
N SER B 75 20.18 -19.46 -2.92
CA SER B 75 20.71 -20.58 -2.12
C SER B 75 21.40 -20.07 -0.86
N PHE B 76 21.29 -20.88 0.20
CA PHE B 76 21.95 -20.60 1.46
C PHE B 76 23.45 -20.66 1.29
N THR B 77 23.92 -21.42 0.30
CA THR B 77 25.35 -21.48 0.04
C THR B 77 25.89 -20.15 -0.44
N ARG B 78 25.09 -19.38 -1.18
CA ARG B 78 25.54 -18.05 -1.61
C ARG B 78 25.12 -16.97 -0.62
N PHE B 79 23.91 -17.07 -0.08
CA PHE B 79 23.44 -16.07 0.88
C PHE B 79 23.10 -16.68 2.22
N PRO B 80 23.96 -16.43 3.19
CA PRO B 80 23.83 -17.01 4.51
C PRO B 80 22.71 -16.33 5.28
N GLY B 81 22.01 -17.10 6.10
CA GLY B 81 20.83 -16.61 6.81
C GLY B 81 21.13 -15.46 7.75
N ASN B 82 22.31 -15.47 8.36
CA ASN B 82 22.75 -14.37 9.22
C ASN B 82 22.95 -13.04 8.48
N SER B 83 23.05 -13.13 7.14
CA SER B 83 23.19 -11.92 6.34
C SER B 83 21.80 -11.42 5.94
N VAL B 84 20.96 -12.36 5.53
CA VAL B 84 19.65 -12.05 4.98
C VAL B 84 18.64 -11.62 6.05
N ALA B 85 18.65 -12.27 7.22
CA ALA B 85 17.64 -11.99 8.25
C ALA B 85 17.55 -10.51 8.58
N PRO B 86 18.69 -9.88 8.91
CA PRO B 86 18.65 -8.46 9.25
C PRO B 86 18.10 -7.61 8.11
N ALA B 87 18.56 -7.86 6.89
CA ALA B 87 18.04 -7.12 5.74
C ALA B 87 16.53 -7.33 5.56
N ALA B 88 16.12 -8.59 5.68
CA ALA B 88 14.71 -8.93 5.60
C ALA B 88 13.91 -8.21 6.69
N LEU B 89 14.38 -8.28 7.93
CA LEU B 89 13.68 -7.60 9.02
C LEU B 89 13.67 -6.08 8.79
N PHE B 90 14.80 -5.54 8.35
CA PHE B 90 14.88 -4.12 8.07
C PHE B 90 13.78 -3.71 7.08
N LEU B 91 13.65 -4.49 6.01
CA LEU B 91 12.63 -4.28 5.01
C LEU B 91 11.20 -4.45 5.53
N ALA B 92 10.94 -5.55 6.22
CA ALA B 92 9.60 -5.81 6.75
C ALA B 92 9.13 -4.72 7.70
N ALA B 93 10.05 -4.17 8.50
CA ALA B 93 9.63 -3.10 9.42
C ALA B 93 9.22 -1.85 8.63
N LYS B 94 9.97 -1.55 7.57
CA LYS B 94 9.64 -0.40 6.71
C LYS B 94 8.25 -0.62 6.14
N VAL B 95 8.03 -1.82 5.62
CA VAL B 95 6.77 -2.17 4.96
C VAL B 95 5.62 -2.17 5.99
N GLU B 96 5.83 -2.80 7.15
CA GLU B 96 4.70 -2.89 8.07
C GLU B 96 4.43 -1.55 8.76
N GLY B 97 5.16 -0.50 8.38
CA GLY B 97 4.97 0.80 8.99
C GLY B 97 5.52 0.86 10.41
N GLN B 98 6.47 0.04 10.74
CA GLN B 98 7.16 0.25 12.04
C GLN B 98 8.62 0.45 11.72
N PRO B 99 8.93 1.47 10.93
CA PRO B 99 10.30 1.59 10.40
C PRO B 99 11.32 1.68 11.54
N LYS B 100 12.39 0.91 11.43
CA LYS B 100 13.50 1.02 12.40
C LYS B 100 14.73 1.49 11.64
N LYS B 101 15.59 2.24 12.32
CA LYS B 101 16.69 2.91 11.60
C LYS B 101 17.79 1.96 11.16
N LEU B 102 18.42 2.25 10.04
CA LEU B 102 19.40 1.35 9.46
C LEU B 102 20.51 1.07 10.47
N GLU B 103 20.95 2.12 11.14
CA GLU B 103 22.10 2.03 12.06
C GLU B 103 21.72 1.20 13.29
N HIS B 104 20.44 1.25 13.62
CA HIS B 104 19.90 0.60 14.79
C HIS B 104 19.80 -0.92 14.55
N VAL B 105 19.27 -1.26 13.39
CA VAL B 105 19.15 -2.66 13.00
C VAL B 105 20.55 -3.26 12.98
N ILE B 106 21.52 -2.53 12.43
CA ILE B 106 22.89 -3.03 12.38
C ILE B 106 23.42 -3.38 13.77
N LYS B 107 23.16 -2.49 14.72
CA LYS B 107 23.64 -2.64 16.08
C LYS B 107 23.07 -3.90 16.71
N VAL B 108 21.74 -4.03 16.62
CA VAL B 108 21.03 -5.13 17.26
C VAL B 108 21.46 -6.46 16.65
N ALA B 109 21.55 -6.50 15.32
CA ALA B 109 22.03 -7.70 14.62
C ALA B 109 23.44 -8.08 15.08
N HIS B 110 24.25 -7.06 15.36
CA HIS B 110 25.62 -7.30 15.76
C HIS B 110 25.66 -7.99 17.11
N THR B 111 24.90 -7.46 18.07
CA THR B 111 24.92 -8.04 19.40
C THR B 111 24.35 -9.46 19.38
N CYS B 112 23.32 -9.71 18.57
CA CYS B 112 22.73 -11.05 18.51
C CYS B 112 23.79 -12.01 18.01
N LEU B 113 24.30 -11.73 16.82
CA LEU B 113 25.28 -12.63 16.18
C LEU B 113 26.57 -12.66 16.96
N HIS B 114 26.94 -11.56 17.60
CA HIS B 114 28.24 -11.58 18.30
C HIS B 114 28.12 -11.03 19.69
N PRO B 115 27.45 -11.74 20.59
CA PRO B 115 27.20 -11.24 21.93
C PRO B 115 28.43 -10.71 22.61
N GLN B 116 29.52 -11.45 22.56
CA GLN B 116 30.74 -11.02 23.27
C GLN B 116 31.40 -9.86 22.53
N GLU B 117 31.46 -9.96 21.21
CA GLU B 117 32.17 -8.98 20.43
C GLU B 117 31.66 -7.56 20.67
N SER B 118 32.52 -6.62 20.30
CA SER B 118 32.32 -5.22 20.62
C SER B 118 31.96 -4.48 19.33
N LEU B 119 30.93 -3.65 19.36
CA LEU B 119 30.55 -2.91 18.14
C LEU B 119 31.67 -2.02 17.59
N PRO B 120 31.90 -2.12 16.27
CA PRO B 120 32.89 -1.28 15.61
C PRO B 120 32.59 0.21 15.70
N ASP B 121 33.65 0.98 15.84
CA ASP B 121 33.56 2.43 15.72
C ASP B 121 32.69 2.75 14.51
N THR B 122 31.58 3.44 14.74
CA THR B 122 30.73 3.86 13.60
C THR B 122 31.51 4.75 12.65
N ARG B 123 32.71 5.17 13.04
CA ARG B 123 33.53 5.96 12.12
C ARG B 123 34.27 5.06 11.17
N SER B 124 34.39 3.78 11.52
CA SER B 124 35.27 2.88 10.84
C SER B 124 34.88 2.53 9.41
N GLU B 125 35.85 2.00 8.68
CA GLU B 125 35.67 1.50 7.35
C GLU B 125 34.91 0.19 7.39
N ALA B 126 35.17 -0.63 8.39
CA ALA B 126 34.50 -1.89 8.55
C ALA B 126 33.02 -1.71 8.80
N TYR B 127 32.68 -0.63 9.50
CA TYR B 127 31.29 -0.41 9.85
C TYR B 127 30.57 0.18 8.65
N LEU B 128 31.24 1.10 7.97
CA LEU B 128 30.64 1.70 6.77
C LEU B 128 30.35 0.62 5.74
N GLN B 129 31.21 -0.40 5.71
CA GLN B 129 31.05 -1.51 4.80
C GLN B 129 29.81 -2.31 5.10
N GLN B 130 29.59 -2.65 6.38
CA GLN B 130 28.44 -3.48 6.72
C GLN B 130 27.15 -2.72 6.54
N VAL B 131 27.17 -1.42 6.79
CA VAL B 131 25.99 -0.58 6.46
C VAL B 131 25.62 -0.74 4.98
N GLN B 132 26.63 -0.55 4.15
CA GLN B 132 26.45 -0.66 2.71
C GLN B 132 26.00 -2.06 2.29
N ASP B 133 26.46 -3.07 3.03
CA ASP B 133 26.11 -4.46 2.71
C ASP B 133 24.65 -4.75 2.96
N LEU B 134 24.12 -4.16 4.03
CA LEU B 134 22.72 -4.37 4.38
C LEU B 134 21.85 -3.77 3.30
N VAL B 135 22.08 -2.51 2.96
CA VAL B 135 21.41 -1.88 1.84
C VAL B 135 21.50 -2.69 0.54
N ILE B 136 22.66 -3.26 0.23
CA ILE B 136 22.77 -4.04 -0.99
C ILE B 136 21.86 -5.26 -0.90
N LEU B 137 21.87 -5.91 0.27
CA LEU B 137 21.09 -7.10 0.47
C LEU B 137 19.60 -6.86 0.41
N GLU B 138 19.15 -5.77 1.04
CA GLU B 138 17.73 -5.39 0.99
C GLU B 138 17.29 -5.31 -0.48
N SER B 139 18.17 -4.77 -1.31
CA SER B 139 17.88 -4.60 -2.71
C SER B 139 17.81 -5.94 -3.46
N ILE B 140 18.71 -6.86 -3.09
CA ILE B 140 18.63 -8.20 -3.65
C ILE B 140 17.37 -8.93 -3.22
N ILE B 141 16.90 -8.64 -2.01
CA ILE B 141 15.65 -9.24 -1.54
C ILE B 141 14.44 -8.67 -2.30
N LEU B 142 14.37 -7.34 -2.41
CA LEU B 142 13.31 -6.65 -3.15
C LEU B 142 13.16 -7.26 -4.53
N GLN B 143 14.31 -7.49 -5.18
CA GLN B 143 14.34 -7.92 -6.56
C GLN B 143 14.06 -9.41 -6.72
N THR B 144 14.52 -10.18 -5.74
CA THR B 144 14.23 -11.60 -5.73
C THR B 144 12.74 -11.82 -5.57
N LEU B 145 12.12 -11.07 -4.65
CA LEU B 145 10.69 -11.16 -4.45
C LEU B 145 9.90 -10.40 -5.51
N GLY B 146 10.60 -9.74 -6.42
CA GLY B 146 9.93 -9.01 -7.49
C GLY B 146 8.96 -8.01 -6.90
N PHE B 147 9.38 -7.33 -5.85
CA PHE B 147 8.59 -6.24 -5.25
C PHE B 147 7.22 -6.56 -4.72
N GLU B 148 6.99 -7.86 -4.49
CA GLU B 148 5.74 -8.31 -3.91
C GLU B 148 5.88 -8.43 -2.40
N LEU B 149 5.40 -7.41 -1.68
CA LEU B 149 5.74 -7.27 -0.27
C LEU B 149 4.53 -7.33 0.65
N THR B 150 3.32 -7.37 0.09
CA THR B 150 2.15 -7.41 0.94
C THR B 150 1.96 -8.87 1.28
N ILE B 151 1.96 -9.22 2.56
CA ILE B 151 1.90 -10.63 2.92
C ILE B 151 0.59 -10.91 3.63
N ASP B 152 -0.11 -11.99 3.27
CA ASP B 152 -1.27 -12.39 4.09
C ASP B 152 -0.80 -13.40 5.11
N HIS B 153 -1.15 -13.23 6.39
CA HIS B 153 -0.72 -14.22 7.40
C HIS B 153 -1.89 -14.99 7.95
N PRO B 154 -1.66 -16.24 8.40
CA PRO B 154 -2.77 -17.02 8.95
C PRO B 154 -3.49 -16.28 10.08
N HIS B 155 -2.78 -15.46 10.85
CA HIS B 155 -3.33 -14.91 12.09
C HIS B 155 -4.62 -14.15 11.87
N THR B 156 -4.66 -13.34 10.82
CA THR B 156 -5.92 -12.64 10.48
C THR B 156 -7.07 -13.65 10.55
N HIS B 157 -6.87 -14.77 9.84
CA HIS B 157 -7.90 -15.77 9.68
C HIS B 157 -8.18 -16.54 10.96
N VAL B 158 -7.15 -16.69 11.81
CA VAL B 158 -7.32 -17.42 13.07
C VAL B 158 -8.32 -16.69 13.95
N VAL B 159 -7.96 -15.49 14.39
CA VAL B 159 -8.91 -14.62 15.06
C VAL B 159 -10.37 -14.75 14.59
N LYS B 160 -10.64 -14.57 13.29
CA LYS B 160 -12.00 -14.61 12.79
C LYS B 160 -12.65 -15.94 13.10
N CYS B 161 -11.94 -17.02 12.83
CA CYS B 161 -12.46 -18.35 12.98
C CYS B 161 -12.72 -18.67 14.46
N THR B 162 -11.73 -18.38 15.31
CA THR B 162 -11.85 -18.70 16.73
C THR B 162 -12.92 -17.90 17.47
N GLN B 163 -13.28 -16.74 16.92
CA GLN B 163 -14.46 -15.98 17.41
C GLN B 163 -15.74 -16.71 17.02
N LEU B 164 -15.91 -16.97 15.72
CA LEU B 164 -17.07 -17.69 15.24
C LEU B 164 -17.26 -19.03 15.97
N VAL B 165 -16.24 -19.63 16.56
CA VAL B 165 -16.58 -20.90 17.21
C VAL B 165 -16.56 -20.77 18.73
N ARG B 166 -16.59 -19.53 19.23
CA ARG B 166 -16.62 -19.24 20.66
C ARG B 166 -15.59 -20.02 21.50
N ALA B 167 -14.37 -20.05 21.01
CA ALA B 167 -13.28 -20.63 21.74
C ALA B 167 -12.94 -19.79 22.97
N SER B 168 -12.46 -20.45 24.02
CA SER B 168 -11.96 -19.74 25.20
C SER B 168 -10.77 -18.85 24.82
N LYS B 169 -10.57 -17.78 25.59
CA LYS B 169 -9.36 -16.92 25.43
C LYS B 169 -8.14 -17.84 25.27
N ASP B 170 -8.10 -18.91 26.07
CA ASP B 170 -7.02 -19.89 26.04
C ASP B 170 -6.91 -20.59 24.69
N LEU B 171 -7.98 -21.24 24.26
CA LEU B 171 -7.95 -21.96 22.96
C LEU B 171 -7.49 -21.02 21.86
N ALA B 172 -8.04 -19.82 21.85
CA ALA B 172 -7.72 -18.86 20.81
C ALA B 172 -6.23 -18.47 20.86
N GLN B 173 -5.73 -18.22 22.08
CA GLN B 173 -4.31 -17.89 22.23
C GLN B 173 -3.40 -19.05 21.80
N THR B 174 -3.86 -20.26 22.02
CA THR B 174 -3.07 -21.44 21.62
C THR B 174 -3.02 -21.52 20.09
N SER B 175 -4.13 -21.15 19.46
CA SER B 175 -4.19 -21.25 18.00
C SER B 175 -3.27 -20.19 17.37
N TYR B 176 -3.30 -18.97 17.91
CA TYR B 176 -2.39 -17.92 17.51
C TYR B 176 -0.92 -18.40 17.69
N PHE B 177 -0.68 -19.13 18.77
CA PHE B 177 0.64 -19.71 19.02
C PHE B 177 1.07 -20.71 17.97
N MET B 178 0.14 -21.56 17.56
CA MET B 178 0.39 -22.54 16.52
C MET B 178 0.74 -21.82 15.24
N ALA B 179 -0.03 -20.77 14.93
CA ALA B 179 0.20 -19.98 13.74
C ALA B 179 1.61 -19.46 13.70
N THR B 180 2.04 -18.76 14.76
CA THR B 180 3.40 -18.21 14.79
C THR B 180 4.44 -19.31 14.62
N ASN B 181 4.29 -20.39 15.36
CA ASN B 181 5.25 -21.50 15.25
C ASN B 181 5.29 -22.20 13.91
N SER B 182 4.14 -22.27 13.22
CA SER B 182 4.17 -22.84 11.86
C SER B 182 5.16 -22.07 10.96
N LEU B 183 5.25 -20.76 11.14
CA LEU B 183 6.23 -20.00 10.36
C LEU B 183 7.67 -20.34 10.70
N HIS B 184 7.98 -20.46 11.99
CA HIS B 184 9.34 -20.74 12.40
C HIS B 184 9.76 -22.14 12.02
N LEU B 185 8.81 -23.05 12.15
CA LEU B 185 9.17 -24.48 12.09
C LEU B 185 8.88 -25.08 10.74
N THR B 186 7.92 -24.55 9.99
CA THR B 186 7.52 -25.33 8.80
C THR B 186 7.60 -24.54 7.55
N THR B 187 7.57 -25.24 6.42
CA THR B 187 7.41 -24.50 5.16
C THR B 187 5.97 -24.46 4.72
N PHE B 188 5.02 -24.51 5.65
CA PHE B 188 3.62 -24.46 5.29
C PHE B 188 3.34 -23.20 4.51
N SER B 189 4.04 -22.12 4.85
CA SER B 189 3.75 -20.86 4.14
C SER B 189 4.03 -20.96 2.66
N LEU B 190 5.03 -21.75 2.26
CA LEU B 190 5.35 -21.94 0.85
C LEU B 190 4.38 -22.88 0.16
N GLN B 191 3.54 -23.55 0.93
CA GLN B 191 2.71 -24.58 0.30
C GLN B 191 1.25 -24.26 0.48
N TYR B 192 0.86 -23.66 1.61
CA TYR B 192 -0.59 -23.58 1.80
C TYR B 192 -1.04 -22.16 2.04
N THR B 193 -2.16 -21.79 1.41
CA THR B 193 -2.80 -20.48 1.63
C THR B 193 -3.04 -20.25 3.11
N PRO B 194 -2.91 -19.00 3.55
CA PRO B 194 -3.00 -18.68 4.98
C PRO B 194 -4.24 -19.21 5.64
N PRO B 195 -5.38 -19.17 4.93
CA PRO B 195 -6.66 -19.60 5.52
C PRO B 195 -6.66 -21.09 5.83
N VAL B 196 -5.97 -21.85 4.98
CA VAL B 196 -5.81 -23.29 5.18
C VAL B 196 -4.89 -23.56 6.37
N VAL B 197 -3.76 -22.88 6.42
CA VAL B 197 -2.89 -22.97 7.58
C VAL B 197 -3.61 -22.58 8.85
N ALA B 198 -4.47 -21.57 8.76
CA ALA B 198 -5.24 -21.16 9.96
C ALA B 198 -6.09 -22.33 10.49
N CYS B 199 -6.67 -23.08 9.56
CA CYS B 199 -7.51 -24.21 9.96
C CYS B 199 -6.64 -25.27 10.62
N VAL B 200 -5.45 -25.51 10.08
CA VAL B 200 -4.52 -26.49 10.64
C VAL B 200 -4.18 -26.14 12.08
N CYS B 201 -3.92 -24.86 12.32
CA CYS B 201 -3.57 -24.38 13.68
C CYS B 201 -4.72 -24.55 14.68
N ILE B 202 -5.91 -24.16 14.25
CA ILE B 202 -7.10 -24.25 15.11
C ILE B 202 -7.39 -25.72 15.41
N HIS B 203 -7.24 -26.56 14.40
CA HIS B 203 -7.46 -28.01 14.57
C HIS B 203 -6.52 -28.56 15.63
N LEU B 204 -5.22 -28.32 15.47
CA LEU B 204 -4.23 -28.79 16.43
C LEU B 204 -4.48 -28.27 17.83
N ALA B 205 -4.77 -26.99 17.95
CA ALA B 205 -5.03 -26.39 19.27
C ALA B 205 -6.23 -27.06 19.95
N CYS B 206 -7.23 -27.41 19.15
CA CYS B 206 -8.34 -28.22 19.65
C CYS B 206 -7.85 -29.56 20.17
N LYS B 207 -7.18 -30.34 19.31
CA LYS B 207 -6.64 -31.63 19.74
C LYS B 207 -5.85 -31.49 21.06
N TRP B 208 -4.97 -30.50 21.11
CA TRP B 208 -4.17 -30.26 22.28
C TRP B 208 -4.96 -29.86 23.51
N SER B 209 -6.08 -29.14 23.35
CA SER B 209 -6.89 -28.78 24.50
C SER B 209 -7.99 -29.75 24.80
N ASN B 210 -8.10 -30.84 24.04
CA ASN B 210 -9.29 -31.70 24.16
C ASN B 210 -10.57 -30.98 23.80
N TRP B 211 -10.51 -29.90 23.06
CA TRP B 211 -11.69 -29.16 22.66
C TRP B 211 -12.28 -29.75 21.39
N GLU B 212 -13.59 -29.87 21.32
CA GLU B 212 -14.17 -30.32 20.05
C GLU B 212 -15.17 -29.30 19.56
N ILE B 213 -14.98 -28.82 18.33
CA ILE B 213 -16.01 -27.90 17.78
C ILE B 213 -17.22 -28.66 17.26
N PRO B 214 -18.41 -28.35 17.82
CA PRO B 214 -19.63 -29.06 17.44
C PRO B 214 -19.96 -28.85 15.96
N VAL B 215 -20.20 -29.94 15.25
CA VAL B 215 -20.70 -29.87 13.88
C VAL B 215 -21.95 -29.01 13.75
N SER B 216 -21.86 -27.93 12.96
CA SER B 216 -23.00 -27.02 12.79
C SER B 216 -24.29 -27.79 12.56
N THR B 217 -25.43 -27.13 12.74
CA THR B 217 -26.74 -27.74 12.51
C THR B 217 -27.01 -28.21 11.08
N ASP B 218 -26.28 -27.63 10.13
CA ASP B 218 -26.36 -28.04 8.73
C ASP B 218 -25.60 -29.34 8.47
N GLY B 219 -24.81 -29.75 9.45
CA GLY B 219 -23.91 -30.87 9.29
C GLY B 219 -22.66 -30.39 8.58
N LYS B 220 -22.34 -29.10 8.67
CA LYS B 220 -21.09 -28.61 8.12
C LYS B 220 -20.02 -28.43 9.20
N HIS B 221 -18.84 -29.01 8.95
CA HIS B 221 -17.73 -28.82 9.87
C HIS B 221 -17.22 -27.38 9.75
N TRP B 222 -16.71 -26.84 10.85
CA TRP B 222 -16.21 -25.46 10.86
C TRP B 222 -15.28 -25.03 9.69
N TRP B 223 -14.29 -25.86 9.41
CA TRP B 223 -13.30 -25.49 8.41
C TRP B 223 -13.96 -25.24 7.04
N GLU B 224 -15.18 -25.74 6.89
CA GLU B 224 -15.92 -25.57 5.66
C GLU B 224 -16.46 -24.16 5.56
N TYR B 225 -16.82 -23.57 6.70
CA TYR B 225 -17.05 -22.14 6.80
C TYR B 225 -15.80 -21.33 6.48
N VAL B 226 -14.63 -21.95 6.63
CA VAL B 226 -13.36 -21.27 6.31
C VAL B 226 -12.72 -21.51 4.94
N ASP B 227 -12.46 -22.72 4.55
CA ASP B 227 -11.92 -22.83 3.21
C ASP B 227 -12.58 -24.01 2.52
N ALA B 228 -13.04 -23.79 1.29
CA ALA B 228 -13.68 -24.87 0.49
C ALA B 228 -12.77 -26.11 0.34
N THR B 229 -11.54 -25.87 -0.06
CA THR B 229 -10.62 -26.93 -0.38
C THR B 229 -10.35 -27.85 0.82
N VAL B 230 -10.47 -27.34 2.03
CA VAL B 230 -10.01 -28.09 3.19
C VAL B 230 -10.84 -29.33 3.48
N THR B 231 -10.12 -30.43 3.72
CA THR B 231 -10.70 -31.69 4.17
C THR B 231 -10.04 -32.23 5.44
N LEU B 232 -10.77 -33.05 6.20
CA LEU B 232 -10.22 -33.61 7.43
C LEU B 232 -8.98 -34.47 7.21
N GLU B 233 -8.96 -35.19 6.10
CA GLU B 233 -7.79 -35.99 5.71
C GLU B 233 -6.57 -35.10 5.64
N LEU B 234 -6.73 -33.95 4.98
CA LEU B 234 -5.66 -32.96 4.88
C LEU B 234 -5.30 -32.40 6.25
N LEU B 235 -6.30 -31.95 6.99
CA LEU B 235 -6.07 -31.44 8.34
C LEU B 235 -5.29 -32.38 9.26
N ASP B 236 -5.62 -33.66 9.24
CA ASP B 236 -4.92 -34.60 10.15
C ASP B 236 -3.49 -34.82 9.68
N GLU B 237 -3.30 -34.95 8.38
CA GLU B 237 -1.96 -35.10 7.82
C GLU B 237 -1.10 -33.90 8.25
N LEU B 238 -1.66 -32.71 8.16
CA LEU B 238 -0.91 -31.49 8.49
C LEU B 238 -0.66 -31.22 9.97
N THR B 239 -1.71 -31.34 10.79
CA THR B 239 -1.54 -31.19 12.25
C THR B 239 -0.50 -32.19 12.78
N HIS B 240 -0.46 -33.37 12.16
CA HIS B 240 0.52 -34.36 12.55
C HIS B 240 1.94 -33.87 12.24
N GLU B 241 2.16 -33.45 10.99
CA GLU B 241 3.45 -32.91 10.59
C GLU B 241 3.88 -31.77 11.48
N LEU B 242 2.97 -30.85 11.76
CA LEU B 242 3.29 -29.71 12.63
C LEU B 242 3.59 -30.12 14.07
N LEU B 243 2.77 -31.04 14.60
CA LEU B 243 2.99 -31.50 15.97
C LEU B 243 4.34 -32.20 16.14
N GLN B 244 4.75 -32.95 15.14
CA GLN B 244 6.00 -33.68 15.21
C GLN B 244 7.19 -32.78 15.44
N ILE B 245 7.24 -31.68 14.69
CA ILE B 245 8.37 -30.76 14.75
C ILE B 245 8.30 -29.96 16.05
N LEU B 246 7.08 -29.63 16.48
CA LEU B 246 6.94 -29.03 17.81
C LEU B 246 7.57 -29.93 18.89
N GLU B 247 7.41 -31.24 18.72
CA GLU B 247 7.95 -32.19 19.69
C GLU B 247 9.48 -32.18 19.67
N LYS B 248 10.06 -32.02 18.48
CA LYS B 248 11.52 -31.91 18.38
C LYS B 248 12.05 -30.61 18.98
N THR B 249 11.22 -29.58 19.05
CA THR B 249 11.68 -28.27 19.50
C THR B 249 11.69 -28.10 21.01
N PRO B 250 12.90 -28.03 21.58
CA PRO B 250 13.08 -27.97 23.03
C PRO B 250 12.30 -26.84 23.71
N ASN B 251 11.46 -27.18 24.69
CA ASN B 251 10.70 -26.18 25.44
C ASN B 251 9.53 -25.48 24.78
N ARG B 252 9.33 -25.67 23.48
CA ARG B 252 8.28 -24.95 22.80
C ARG B 252 6.89 -25.35 23.35
N LEU B 253 6.64 -26.66 23.39
CA LEU B 253 5.35 -27.17 23.87
C LEU B 253 5.09 -26.83 25.33
N LYS B 254 6.18 -26.77 26.10
CA LYS B 254 6.07 -26.41 27.51
C LYS B 254 5.25 -25.13 27.63
N ARG B 255 5.41 -24.24 26.67
CA ARG B 255 4.74 -22.95 26.72
C ARG B 255 3.23 -23.11 26.66
N ILE B 256 2.74 -24.06 25.89
CA ILE B 256 1.28 -24.26 25.90
C ILE B 256 0.86 -25.45 26.75
N TRP B 257 1.74 -25.99 27.58
CA TRP B 257 1.39 -27.23 28.29
C TRP B 257 0.59 -26.94 29.55
N ASN B 258 -0.55 -27.62 29.69
CA ASN B 258 -1.35 -27.42 30.87
C ASN B 258 -0.68 -28.04 32.09
N TRP B 259 -0.07 -27.18 32.89
CA TRP B 259 0.80 -27.63 33.96
C TRP B 259 0.01 -28.14 35.15
N ARG B 260 -1.30 -27.89 35.16
CA ARG B 260 -2.13 -28.27 36.31
C ARG B 260 -2.37 -29.77 36.30
#